data_8P9X
#
_entry.id   8P9X
#
_cell.length_a   65.827
_cell.length_b   65.827
_cell.length_c   264.258
_cell.angle_alpha   90.00
_cell.angle_beta   90.00
_cell.angle_gamma   120.00
#
_symmetry.space_group_name_H-M   'P 65 2 2'
#
loop_
_entity.id
_entity.type
_entity.pdbx_description
1 polymer 'Vitamin D3 receptor A'
2 polymer 'Nuclear receptor coactivator 2'
3 non-polymer 'ACETATE ION'
4 non-polymer (1~{R},3~{S},5~{Z})-5-[(2~{E})-2-[(1~{S},3~{a}~{S},7~{a}~{S})-1,7~{a}-dimethyl-1-(5-methyl-5-oxidanyl-hexa-1,3-diynyl)-2,3,3~{a},5,6,7-hexahydroinden-4-ylidene]ethylidene]-4-methylidene-cyclohexane-1,3-diol
5 water water
#
loop_
_entity_poly.entity_id
_entity_poly.type
_entity_poly.pdbx_seq_one_letter_code
_entity_poly.pdbx_strand_id
1 'polypeptide(L)'
;GSHMLSDEQMQIINSLVEAHHKTYDDSYSDFVRFRPPVREGPVTRSASRAASLHSLSDASSDSFNHSPESVDTKLNFSNL
LMMYQDSGSPDSSEEDQQSRLSMLPHLADLVSYSIQKVIGFAKMIPGFRDLTAEDQIALLKSSAIEIIMLRSNQSFSLED
MSWSCGGPDFKYCINDVTKAGHTLELLEPLVKFQVGLKKLKLHEEEHVLLMAICLLSPDRPGVQDHVRIEALQDRLCDVL
QAYIRIQHPGGRLLYAKMIQKLADLRSLNEEHSKQYRSLSFQPEHSMQLTPLVLEVFGSEVS
;
A
2 'polypeptide(L)' KHKILHRLLQDSS B
#
loop_
_chem_comp.id
_chem_comp.type
_chem_comp.name
_chem_comp.formula
ACT non-polymer 'ACETATE ION' 'C2 H3 O2 -1'
FO6 non-polymer (1~{R},3~{S},5~{Z})-5-[(2~{E})-2-[(1~{S},3~{a}~{S},7~{a}~{S})-1,7~{a}-dimethyl-1-(5-methyl-5-oxidanyl-hexa-1,3-diynyl)-2,3,3~{a},5,6,7-hexahydroinden-4-ylidene]ethylidene]-4-methylidene-cyclohexane-1,3-diol 'C27 H36 O3'
#
# COMPACT_ATOMS: atom_id res chain seq x y z
N MET A 4 -6.26 29.15 -5.05
CA MET A 4 -7.05 28.38 -6.04
C MET A 4 -6.25 27.29 -6.78
N LEU A 5 -6.90 26.15 -7.07
CA LEU A 5 -6.26 25.02 -7.75
C LEU A 5 -6.35 25.15 -9.27
N SER A 6 -5.29 24.73 -9.95
CA SER A 6 -5.17 24.84 -11.41
C SER A 6 -5.94 23.70 -12.08
N ASP A 7 -6.21 23.89 -13.38
CA ASP A 7 -6.87 22.85 -14.16
C ASP A 7 -6.07 21.56 -14.15
N GLU A 8 -4.75 21.65 -14.28
CA GLU A 8 -3.93 20.44 -14.34
C GLU A 8 -3.84 19.77 -12.98
N GLN A 9 -3.78 20.54 -11.90
CA GLN A 9 -3.73 19.94 -10.58
C GLN A 9 -4.99 19.14 -10.30
N MET A 10 -6.15 19.71 -10.60
CA MET A 10 -7.39 18.98 -10.32
C MET A 10 -7.55 17.77 -11.23
N GLN A 11 -6.98 17.82 -12.45
CA GLN A 11 -7.00 16.64 -13.31
C GLN A 11 -6.24 15.49 -12.68
N ILE A 12 -5.05 15.76 -12.14
CA ILE A 12 -4.32 14.73 -11.41
C ILE A 12 -5.18 14.16 -10.32
N ILE A 13 -5.90 15.03 -9.61
CA ILE A 13 -6.79 14.57 -8.55
C ILE A 13 -7.84 13.64 -9.12
N ASN A 14 -8.57 14.11 -10.14
CA ASN A 14 -9.64 13.29 -10.73
C ASN A 14 -9.13 11.93 -11.15
N SER A 15 -8.02 11.90 -11.91
CA SER A 15 -7.57 10.61 -12.42
C SER A 15 -7.05 9.72 -11.31
N LEU A 16 -6.55 10.30 -10.22
CA LEU A 16 -6.17 9.49 -9.07
C LEU A 16 -7.40 8.99 -8.30
N VAL A 17 -8.44 9.81 -8.15
CA VAL A 17 -9.62 9.31 -7.47
C VAL A 17 -10.25 8.17 -8.28
N GLU A 18 -10.38 8.37 -9.59
CA GLU A 18 -10.92 7.34 -10.48
C GLU A 18 -10.13 6.05 -10.34
N ALA A 19 -8.80 6.15 -10.43
CA ALA A 19 -7.95 4.98 -10.31
C ALA A 19 -8.21 4.26 -9.00
N HIS A 20 -8.41 5.00 -7.92
CA HIS A 20 -8.68 4.33 -6.67
C HIS A 20 -10.04 3.63 -6.69
N HIS A 21 -11.07 4.29 -7.22
CA HIS A 21 -12.39 3.69 -7.19
C HIS A 21 -12.44 2.43 -8.04
N LYS A 22 -11.58 2.34 -9.05
CA LYS A 22 -11.51 1.17 -9.92
C LYS A 22 -10.87 -0.01 -9.22
N THR A 23 -10.00 0.25 -8.23
CA THR A 23 -9.17 -0.81 -7.68
C THR A 23 -9.45 -1.08 -6.21
N TYR A 24 -10.50 -0.50 -5.64
CA TYR A 24 -10.85 -0.74 -4.24
C TYR A 24 -12.34 -0.97 -4.19
N ASP A 25 -12.73 -2.21 -3.89
CA ASP A 25 -14.11 -2.65 -3.90
C ASP A 25 -14.59 -2.70 -2.46
N ASP A 26 -15.28 -1.62 -2.05
CA ASP A 26 -15.82 -1.50 -0.71
C ASP A 26 -16.77 -2.62 -0.30
N SER A 27 -17.12 -3.55 -1.21
CA SER A 27 -18.00 -4.67 -0.86
C SER A 27 -17.24 -5.88 -0.34
N TYR A 28 -15.95 -5.99 -0.67
CA TYR A 28 -15.10 -7.08 -0.22
C TYR A 28 -15.65 -8.44 -0.60
N SER A 29 -16.54 -8.50 -1.60
CA SER A 29 -17.16 -9.74 -1.99
C SER A 29 -16.17 -10.66 -2.71
N ASP A 30 -15.02 -10.14 -3.12
CA ASP A 30 -13.98 -10.97 -3.69
C ASP A 30 -13.27 -11.81 -2.63
N PHE A 31 -13.38 -11.43 -1.34
CA PHE A 31 -12.62 -12.13 -0.30
C PHE A 31 -13.05 -13.59 -0.17
N VAL A 32 -14.32 -13.90 -0.45
CA VAL A 32 -14.78 -15.26 -0.32
C VAL A 32 -14.02 -16.20 -1.25
N ARG A 33 -13.28 -15.65 -2.22
CA ARG A 33 -12.49 -16.46 -3.13
C ARG A 33 -11.18 -16.91 -2.52
N PHE A 34 -10.73 -16.25 -1.46
CA PHE A 34 -9.47 -16.61 -0.82
C PHE A 34 -9.63 -17.95 -0.11
N ARG A 35 -8.49 -18.58 0.17
CA ARG A 35 -8.49 -19.70 1.10
C ARG A 35 -9.06 -19.22 2.43
N PRO A 36 -9.95 -19.98 3.06
CA PRO A 36 -10.69 -19.45 4.20
C PRO A 36 -9.77 -19.14 5.37
N PRO A 37 -10.18 -18.23 6.25
CA PRO A 37 -9.41 -18.03 7.48
C PRO A 37 -9.60 -19.17 8.49
N VAL A 38 -8.57 -19.40 9.29
CA VAL A 38 -8.63 -20.37 10.38
C VAL A 38 -8.09 -19.73 11.65
N ARG A 39 -8.91 -19.62 12.68
CA ARG A 39 -8.57 -18.86 13.88
C ARG A 39 -8.52 -19.71 15.15
N ARG A 100 2.11 -23.07 14.09
CA ARG A 100 1.16 -23.69 13.17
C ARG A 100 0.84 -22.76 11.99
N LEU A 101 0.58 -21.48 12.30
CA LEU A 101 0.30 -20.40 11.34
C LEU A 101 -1.00 -20.60 10.56
N SER A 102 -2.11 -20.71 11.29
CA SER A 102 -3.39 -21.08 10.67
C SER A 102 -3.92 -20.00 9.73
N MET A 103 -3.58 -18.74 9.97
CA MET A 103 -4.11 -17.66 9.14
C MET A 103 -3.22 -17.35 7.94
N LEU A 104 -2.08 -18.02 7.81
CA LEU A 104 -1.17 -17.71 6.70
C LEU A 104 -1.84 -17.91 5.34
N PRO A 105 -2.55 -19.00 5.08
CA PRO A 105 -3.15 -19.13 3.73
C PRO A 105 -4.08 -17.99 3.36
N HIS A 106 -5.05 -17.66 4.21
CA HIS A 106 -5.99 -16.57 3.91
C HIS A 106 -5.28 -15.22 3.78
N LEU A 107 -4.42 -14.89 4.74
CA LEU A 107 -3.80 -13.57 4.68
C LEU A 107 -2.84 -13.46 3.50
N ALA A 108 -2.15 -14.56 3.17
CA ALA A 108 -1.33 -14.59 1.96
C ALA A 108 -2.17 -14.24 0.74
N ASP A 109 -3.34 -14.88 0.61
CA ASP A 109 -4.26 -14.55 -0.47
C ASP A 109 -4.73 -13.10 -0.37
N LEU A 110 -5.06 -12.63 0.84
CA LEU A 110 -5.43 -11.22 0.99
C LEU A 110 -4.34 -10.31 0.45
N VAL A 111 -3.08 -10.58 0.81
CA VAL A 111 -1.99 -9.71 0.37
C VAL A 111 -1.80 -9.80 -1.12
N SER A 112 -1.85 -11.02 -1.68
CA SER A 112 -1.62 -11.21 -3.11
C SER A 112 -2.67 -10.48 -3.92
N TYR A 113 -3.94 -10.66 -3.55
CA TYR A 113 -5.03 -9.89 -4.16
C TYR A 113 -4.70 -8.40 -4.13
N SER A 114 -4.28 -7.89 -2.97
CA SER A 114 -4.06 -6.45 -2.82
C SER A 114 -2.92 -5.96 -3.68
N ILE A 115 -1.88 -6.78 -3.87
CA ILE A 115 -0.80 -6.39 -4.76
C ILE A 115 -1.33 -6.13 -6.16
N GLN A 116 -2.20 -7.02 -6.64
CA GLN A 116 -2.78 -6.83 -7.97
C GLN A 116 -3.53 -5.51 -8.06
N LYS A 117 -4.28 -5.16 -7.01
CA LYS A 117 -4.96 -3.86 -7.00
C LYS A 117 -3.94 -2.73 -7.03
N VAL A 118 -2.84 -2.86 -6.28
CA VAL A 118 -1.89 -1.74 -6.17
C VAL A 118 -1.22 -1.49 -7.52
N ILE A 119 -0.92 -2.56 -8.27
CA ILE A 119 -0.36 -2.47 -9.61
C ILE A 119 -1.34 -1.77 -10.53
N GLY A 120 -2.63 -2.09 -10.40
CA GLY A 120 -3.64 -1.40 -11.19
C GLY A 120 -3.74 0.07 -10.87
N PHE A 121 -3.73 0.44 -9.59
CA PHE A 121 -3.70 1.85 -9.22
C PHE A 121 -2.46 2.52 -9.80
N ALA A 122 -1.30 1.91 -9.59
CA ALA A 122 -0.04 2.48 -10.07
C ALA A 122 -0.10 2.77 -11.55
N LYS A 123 -0.61 1.80 -12.33
CA LYS A 123 -0.69 1.96 -13.78
C LYS A 123 -1.55 3.14 -14.20
N MET A 124 -2.36 3.68 -13.30
CA MET A 124 -3.19 4.82 -13.62
C MET A 124 -2.70 6.09 -12.97
N ILE A 125 -1.58 6.05 -12.28
CA ILE A 125 -0.95 7.29 -11.84
C ILE A 125 -0.36 7.99 -13.06
N PRO A 126 -0.64 9.27 -13.26
CA PRO A 126 -0.05 10.00 -14.41
C PRO A 126 1.47 9.89 -14.42
N GLY A 127 1.99 9.33 -15.51
CA GLY A 127 3.42 9.21 -15.69
C GLY A 127 4.01 7.89 -15.28
N PHE A 128 3.33 7.13 -14.41
CA PHE A 128 3.91 5.87 -13.97
C PHE A 128 4.12 4.93 -15.14
N ARG A 129 3.19 4.90 -16.08
CA ARG A 129 3.29 3.96 -17.20
C ARG A 129 4.39 4.34 -18.17
N ASP A 130 4.80 5.60 -18.19
CA ASP A 130 5.87 6.04 -19.06
C ASP A 130 7.25 5.75 -18.50
N LEU A 131 7.35 5.40 -17.21
CA LEU A 131 8.63 4.95 -16.69
C LEU A 131 9.06 3.66 -17.40
N THR A 132 10.35 3.36 -17.31
CA THR A 132 10.81 2.05 -17.74
C THR A 132 10.17 0.98 -16.87
N ALA A 133 10.05 -0.24 -17.43
CA ALA A 133 9.48 -1.34 -16.66
C ALA A 133 10.32 -1.65 -15.44
N GLU A 134 11.64 -1.48 -15.56
CA GLU A 134 12.53 -1.72 -14.43
C GLU A 134 12.17 -0.81 -13.27
N ASP A 135 12.02 0.50 -13.53
CA ASP A 135 11.65 1.43 -12.47
C ASP A 135 10.26 1.10 -11.93
N GLN A 136 9.30 0.80 -12.81
CA GLN A 136 7.98 0.40 -12.35
C GLN A 136 8.07 -0.77 -11.39
N ILE A 137 8.88 -1.79 -11.73
CA ILE A 137 9.06 -2.95 -10.86
C ILE A 137 9.77 -2.55 -9.58
N ALA A 138 10.88 -1.81 -9.70
CA ALA A 138 11.60 -1.34 -8.52
C ALA A 138 10.67 -0.56 -7.59
N LEU A 139 9.91 0.39 -8.14
CA LEU A 139 9.00 1.16 -7.29
C LEU A 139 7.96 0.25 -6.63
N LEU A 140 7.49 -0.77 -7.36
CA LEU A 140 6.45 -1.62 -6.79
C LEU A 140 7.00 -2.61 -5.76
N LYS A 141 8.17 -3.20 -6.01
CA LYS A 141 8.72 -4.14 -5.05
C LYS A 141 9.06 -3.46 -3.72
N SER A 142 9.54 -2.23 -3.80
CA SER A 142 9.87 -1.55 -2.55
C SER A 142 8.64 -0.97 -1.86
N SER A 143 7.63 -0.50 -2.60
CA SER A 143 6.55 0.25 -1.98
C SER A 143 5.29 -0.56 -1.73
N ALA A 144 5.18 -1.79 -2.26
CA ALA A 144 3.91 -2.51 -2.21
C ALA A 144 3.36 -2.61 -0.81
N ILE A 145 4.19 -3.07 0.13
CA ILE A 145 3.67 -3.31 1.48
C ILE A 145 3.20 -2.00 2.10
N GLU A 146 3.80 -0.88 1.72
CA GLU A 146 3.40 0.41 2.26
C GLU A 146 2.04 0.85 1.72
N ILE A 147 1.84 0.76 0.40
CA ILE A 147 0.53 1.07 -0.19
C ILE A 147 -0.55 0.18 0.41
N ILE A 148 -0.22 -1.06 0.75
CA ILE A 148 -1.22 -1.95 1.33
C ILE A 148 -1.59 -1.47 2.73
N MET A 149 -0.59 -1.08 3.52
CA MET A 149 -0.88 -0.57 4.86
C MET A 149 -1.68 0.71 4.79
N LEU A 150 -1.36 1.57 3.81
CA LEU A 150 -2.08 2.81 3.59
C LEU A 150 -3.52 2.55 3.18
N ARG A 151 -3.70 1.79 2.09
CA ARG A 151 -5.05 1.48 1.60
C ARG A 151 -5.87 0.70 2.61
N SER A 152 -5.23 -0.07 3.50
CA SER A 152 -5.98 -0.82 4.48
C SER A 152 -6.69 0.10 5.49
N ASN A 153 -6.27 1.35 5.62
CA ASN A 153 -6.93 2.24 6.57
C ASN A 153 -8.42 2.38 6.25
N GLN A 154 -8.79 2.21 4.98
CA GLN A 154 -10.20 2.30 4.58
C GLN A 154 -11.09 1.22 5.19
N SER A 155 -10.52 0.06 5.59
CA SER A 155 -11.31 -0.94 6.31
C SER A 155 -11.10 -0.90 7.82
N PHE A 156 -10.05 -0.21 8.29
CA PHE A 156 -9.75 -0.15 9.71
C PHE A 156 -10.87 0.56 10.46
N SER A 157 -11.05 0.18 11.72
CA SER A 157 -12.09 0.75 12.55
C SER A 157 -11.50 1.04 13.92
N LEU A 158 -11.65 2.30 14.38
CA LEU A 158 -11.20 2.64 15.72
C LEU A 158 -12.01 1.88 16.76
N GLU A 159 -13.33 1.82 16.55
CA GLU A 159 -14.23 1.05 17.41
C GLU A 159 -13.65 -0.31 17.76
N ASP A 160 -13.35 -1.09 16.72
CA ASP A 160 -12.89 -2.47 16.87
C ASP A 160 -11.37 -2.60 16.96
N MET A 161 -10.63 -1.54 16.62
CA MET A 161 -9.18 -1.61 16.60
C MET A 161 -8.74 -2.77 15.70
N SER A 162 -9.43 -2.91 14.57
CA SER A 162 -9.22 -4.02 13.65
C SER A 162 -9.63 -3.56 12.25
N TRP A 163 -9.37 -4.43 11.28
CA TRP A 163 -9.77 -4.21 9.90
C TRP A 163 -11.03 -5.02 9.65
N SER A 164 -12.15 -4.34 9.41
CA SER A 164 -13.45 -4.97 9.22
C SER A 164 -13.82 -4.92 7.73
N CYS A 165 -13.89 -6.09 7.09
CA CYS A 165 -14.11 -6.19 5.64
C CYS A 165 -15.42 -6.91 5.36
N GLY A 166 -16.53 -6.30 5.75
CA GLY A 166 -17.83 -6.94 5.57
C GLY A 166 -18.17 -7.85 6.75
N GLY A 167 -18.17 -9.16 6.50
CA GLY A 167 -18.59 -10.12 7.50
C GLY A 167 -17.55 -10.37 8.58
N PRO A 168 -17.97 -11.07 9.64
CA PRO A 168 -17.04 -11.35 10.76
C PRO A 168 -15.91 -12.31 10.40
N ASP A 169 -16.07 -13.15 9.38
CA ASP A 169 -14.96 -14.00 8.95
C ASP A 169 -13.88 -13.21 8.23
N PHE A 170 -14.19 -11.99 7.78
CA PHE A 170 -13.21 -11.11 7.18
C PHE A 170 -12.92 -9.88 8.07
N LYS A 171 -13.00 -10.08 9.39
CA LYS A 171 -12.48 -9.12 10.35
C LYS A 171 -11.16 -9.66 10.91
N TYR A 172 -10.12 -8.85 10.80
CA TYR A 172 -8.76 -9.22 11.19
C TYR A 172 -8.32 -8.37 12.37
N CYS A 173 -8.17 -8.99 13.53
CA CYS A 173 -7.55 -8.31 14.66
C CYS A 173 -6.07 -8.71 14.73
N ILE A 174 -5.40 -8.22 15.77
CA ILE A 174 -3.97 -8.45 15.91
C ILE A 174 -3.70 -9.92 16.09
N ASN A 175 -4.52 -10.60 16.90
CA ASN A 175 -4.30 -12.01 17.18
C ASN A 175 -4.41 -12.84 15.92
N ASP A 176 -5.32 -12.47 15.01
CA ASP A 176 -5.40 -13.16 13.73
C ASP A 176 -4.10 -13.09 12.98
N VAL A 177 -3.50 -11.90 12.93
CA VAL A 177 -2.29 -11.69 12.13
C VAL A 177 -1.09 -12.40 12.73
N THR A 178 -1.11 -12.69 14.04
CA THR A 178 -0.02 -13.47 14.61
C THR A 178 -0.06 -14.91 14.11
N LYS A 179 -1.25 -15.45 13.89
CA LYS A 179 -1.47 -16.78 13.35
C LYS A 179 -1.08 -16.86 11.87
N ALA A 180 -0.39 -15.84 11.38
CA ALA A 180 0.16 -15.83 10.02
C ALA A 180 1.65 -15.54 10.03
N GLY A 181 2.31 -15.62 11.18
CA GLY A 181 3.75 -15.47 11.24
C GLY A 181 4.29 -14.06 11.47
N HIS A 182 3.48 -13.13 11.97
CA HIS A 182 3.98 -11.78 12.29
C HIS A 182 3.81 -11.45 13.75
N THR A 183 4.77 -10.71 14.30
CA THR A 183 4.83 -10.44 15.72
C THR A 183 4.39 -9.02 16.05
N LEU A 184 4.31 -8.75 17.36
CA LEU A 184 3.90 -7.45 17.83
C LEU A 184 4.91 -6.37 17.46
N GLU A 185 6.19 -6.71 17.31
CA GLU A 185 7.14 -5.69 16.88
C GLU A 185 6.77 -5.13 15.51
N LEU A 186 5.91 -5.81 14.76
CA LEU A 186 5.27 -5.25 13.58
C LEU A 186 3.86 -4.77 13.86
N LEU A 187 3.06 -5.56 14.58
CA LEU A 187 1.65 -5.23 14.74
C LEU A 187 1.42 -4.06 15.68
N GLU A 188 2.26 -3.90 16.72
CA GLU A 188 2.10 -2.73 17.59
C GLU A 188 2.26 -1.44 16.82
N PRO A 189 3.38 -1.17 16.15
CA PRO A 189 3.48 0.09 15.40
C PRO A 189 2.47 0.18 14.27
N LEU A 190 2.03 -0.92 13.73
CA LEU A 190 1.10 -0.84 12.66
C LEU A 190 -0.19 -0.35 13.13
N VAL A 191 -0.69 -0.91 14.18
CA VAL A 191 -2.00 -0.48 14.65
C VAL A 191 -1.93 0.95 15.19
N LYS A 192 -0.81 1.35 15.82
CA LYS A 192 -0.68 2.75 16.21
C LYS A 192 -0.63 3.66 14.99
N PHE A 193 -0.04 3.18 13.89
CA PHE A 193 -0.05 3.94 12.64
C PHE A 193 -1.46 4.08 12.09
N GLN A 194 -2.23 2.99 12.08
CA GLN A 194 -3.58 3.01 11.53
C GLN A 194 -4.50 3.95 12.32
N VAL A 195 -4.43 3.94 13.64
CA VAL A 195 -5.31 4.82 14.40
C VAL A 195 -4.94 6.29 14.16
N GLY A 196 -3.63 6.61 14.17
CA GLY A 196 -3.23 7.99 14.00
C GLY A 196 -3.58 8.49 12.61
N LEU A 197 -3.43 7.64 11.61
CA LEU A 197 -3.81 8.00 10.25
C LEU A 197 -5.32 8.13 10.12
N LYS A 198 -6.06 7.21 10.73
CA LYS A 198 -7.51 7.33 10.74
C LYS A 198 -7.94 8.65 11.38
N LYS A 199 -7.25 9.05 12.47
CA LYS A 199 -7.59 10.31 13.17
C LYS A 199 -7.43 11.52 12.25
N LEU A 200 -6.47 11.48 11.33
CA LEU A 200 -6.25 12.56 10.38
C LEU A 200 -7.51 12.92 9.58
N LYS A 201 -8.50 12.02 9.52
CA LYS A 201 -9.77 12.27 8.83
C LYS A 201 -9.56 12.74 7.39
N LEU A 202 -8.59 12.12 6.72
CA LEU A 202 -8.21 12.50 5.35
C LEU A 202 -9.40 12.52 4.40
N HIS A 203 -9.44 13.56 3.55
CA HIS A 203 -10.31 13.52 2.38
C HIS A 203 -9.87 12.38 1.46
N GLU A 204 -10.81 11.89 0.63
CA GLU A 204 -10.47 10.86 -0.36
C GLU A 204 -9.38 11.33 -1.30
N GLU A 205 -9.43 12.61 -1.68
CA GLU A 205 -8.41 13.20 -2.54
C GLU A 205 -7.03 13.13 -1.89
N GLU A 206 -6.96 13.31 -0.58
CA GLU A 206 -5.68 13.31 0.13
C GLU A 206 -5.14 11.89 0.28
N HIS A 207 -6.02 10.96 0.68
CA HIS A 207 -5.68 9.54 0.78
C HIS A 207 -5.07 9.04 -0.53
N VAL A 208 -5.68 9.39 -1.64
CA VAL A 208 -5.23 8.90 -2.94
C VAL A 208 -3.89 9.55 -3.30
N LEU A 209 -3.73 10.84 -2.98
CA LEU A 209 -2.47 11.53 -3.25
C LEU A 209 -1.33 10.95 -2.43
N LEU A 210 -1.59 10.61 -1.17
CA LEU A 210 -0.55 10.02 -0.34
C LEU A 210 -0.11 8.67 -0.90
N MET A 211 -1.06 7.82 -1.31
CA MET A 211 -0.67 6.54 -1.90
C MET A 211 0.20 6.76 -3.12
N ALA A 212 -0.20 7.71 -3.98
CA ALA A 212 0.54 8.00 -5.20
C ALA A 212 1.91 8.58 -4.88
N ILE A 213 1.98 9.43 -3.86
CA ILE A 213 3.26 10.02 -3.49
C ILE A 213 4.20 8.94 -2.94
N CYS A 214 3.65 8.06 -2.10
CA CYS A 214 4.43 6.97 -1.54
C CYS A 214 5.00 6.08 -2.63
N LEU A 215 4.18 5.77 -3.64
CA LEU A 215 4.61 4.93 -4.74
C LEU A 215 5.70 5.59 -5.57
N LEU A 216 5.57 6.89 -5.84
CA LEU A 216 6.52 7.59 -6.70
C LEU A 216 7.71 8.13 -5.94
N SER A 217 8.21 7.39 -4.96
CA SER A 217 9.35 7.84 -4.16
C SER A 217 10.65 7.47 -4.85
N PRO A 218 11.53 8.43 -5.15
CA PRO A 218 12.80 8.09 -5.81
C PRO A 218 13.83 7.44 -4.88
N ASP A 219 13.67 7.52 -3.57
CA ASP A 219 14.68 6.96 -2.66
C ASP A 219 14.34 5.54 -2.26
N ARG A 220 14.24 4.68 -3.28
CA ARG A 220 14.04 3.25 -3.11
C ARG A 220 15.20 2.49 -3.73
N PRO A 221 15.60 1.35 -3.13
CA PRO A 221 16.61 0.53 -3.77
C PRO A 221 16.16 0.14 -5.17
N GLY A 222 17.01 0.42 -6.16
CA GLY A 222 16.82 -0.10 -7.49
C GLY A 222 16.35 0.89 -8.53
N VAL A 223 15.82 2.05 -8.14
CA VAL A 223 15.36 2.98 -9.15
C VAL A 223 16.58 3.55 -9.88
N GLN A 224 16.44 3.71 -11.19
CA GLN A 224 17.50 4.23 -12.05
C GLN A 224 17.25 5.70 -12.39
N ASP A 225 16.11 5.98 -13.05
CA ASP A 225 15.75 7.33 -13.43
C ASP A 225 15.21 8.06 -12.19
N HIS A 226 16.14 8.31 -11.27
N HIS A 226 16.14 8.31 -11.26
CA HIS A 226 15.81 9.03 -10.07
CA HIS A 226 15.81 9.05 -10.05
C HIS A 226 15.15 10.37 -10.39
C HIS A 226 15.14 10.38 -10.38
N VAL A 227 15.78 11.16 -11.25
CA VAL A 227 15.34 12.53 -11.51
C VAL A 227 13.88 12.56 -11.99
N ARG A 228 13.50 11.67 -12.90
CA ARG A 228 12.12 11.71 -13.38
C ARG A 228 11.15 11.37 -12.26
N ILE A 229 11.47 10.37 -11.45
CA ILE A 229 10.55 9.94 -10.41
C ILE A 229 10.39 11.02 -9.35
N GLU A 230 11.50 11.66 -8.97
CA GLU A 230 11.44 12.74 -8.00
C GLU A 230 10.53 13.86 -8.49
N ALA A 231 10.61 14.18 -9.79
CA ALA A 231 9.78 15.23 -10.35
C ALA A 231 8.30 14.85 -10.35
N LEU A 232 7.99 13.61 -10.73
CA LEU A 232 6.61 13.14 -10.57
C LEU A 232 6.14 13.36 -9.15
N GLN A 233 6.98 12.98 -8.18
CA GLN A 233 6.56 13.04 -6.79
C GLN A 233 6.40 14.48 -6.33
N ASP A 234 7.29 15.37 -6.80
CA ASP A 234 7.20 16.79 -6.49
C ASP A 234 5.86 17.35 -6.93
N ARG A 235 5.46 17.07 -8.18
CA ARG A 235 4.18 17.55 -8.68
C ARG A 235 3.02 17.12 -7.79
N LEU A 236 2.98 15.82 -7.44
CA LEU A 236 1.92 15.31 -6.56
C LEU A 236 1.91 16.02 -5.22
N CYS A 237 3.09 16.28 -4.66
CA CYS A 237 3.15 17.01 -3.39
C CYS A 237 2.58 18.42 -3.53
N ASP A 238 2.96 19.13 -4.59
CA ASP A 238 2.40 20.46 -4.83
C ASP A 238 0.89 20.40 -4.92
N VAL A 239 0.37 19.36 -5.57
CA VAL A 239 -1.08 19.19 -5.67
C VAL A 239 -1.66 18.99 -4.28
N LEU A 240 -1.02 18.14 -3.47
CA LEU A 240 -1.53 17.88 -2.12
C LEU A 240 -1.45 19.12 -1.22
N GLN A 241 -0.35 19.87 -1.31
CA GLN A 241 -0.20 21.06 -0.50
C GLN A 241 -1.27 22.07 -0.86
N ALA A 242 -1.46 22.30 -2.16
CA ALA A 242 -2.48 23.21 -2.63
C ALA A 242 -3.87 22.73 -2.22
N TYR A 243 -4.17 21.45 -2.46
CA TYR A 243 -5.49 20.93 -2.15
C TYR A 243 -5.83 21.18 -0.68
N ILE A 244 -4.93 20.77 0.23
CA ILE A 244 -5.16 20.97 1.66
C ILE A 244 -5.42 22.45 1.95
N ARG A 245 -4.59 23.30 1.37
CA ARG A 245 -4.71 24.73 1.63
C ARG A 245 -6.08 25.27 1.19
N ILE A 246 -6.47 25.00 -0.05
CA ILE A 246 -7.71 25.56 -0.59
C ILE A 246 -8.91 24.84 -0.01
N GLN A 247 -8.87 23.51 0.02
CA GLN A 247 -10.07 22.72 0.21
C GLN A 247 -10.19 22.05 1.56
N HIS A 248 -9.14 22.03 2.37
CA HIS A 248 -9.26 21.36 3.66
C HIS A 248 -9.27 22.35 4.82
N PRO A 249 -10.42 22.77 5.32
CA PRO A 249 -10.46 23.75 6.41
C PRO A 249 -9.84 23.19 7.68
N GLY A 250 -9.10 24.05 8.37
CA GLY A 250 -8.40 23.64 9.57
C GLY A 250 -7.30 22.64 9.31
N GLY A 251 -6.60 22.76 8.18
CA GLY A 251 -5.58 21.79 7.85
C GLY A 251 -4.18 22.36 7.73
N ARG A 252 -3.91 23.41 8.50
CA ARG A 252 -2.64 24.11 8.41
C ARG A 252 -1.45 23.19 8.65
N LEU A 253 -1.61 22.22 9.54
CA LEU A 253 -0.53 21.29 9.89
C LEU A 253 -0.72 19.91 9.27
N LEU A 254 -1.72 19.73 8.40
CA LEU A 254 -2.05 18.39 7.92
C LEU A 254 -0.99 17.86 6.95
N TYR A 255 -0.48 18.72 6.06
CA TYR A 255 0.52 18.26 5.11
C TYR A 255 1.71 17.62 5.81
N ALA A 256 2.25 18.29 6.81
CA ALA A 256 3.39 17.74 7.53
C ALA A 256 3.04 16.41 8.21
N LYS A 257 1.84 16.30 8.78
CA LYS A 257 1.45 15.06 9.44
C LYS A 257 1.41 13.92 8.46
N MET A 258 0.97 14.21 7.23
CA MET A 258 0.96 13.21 6.18
C MET A 258 2.37 12.82 5.78
N ILE A 259 3.26 13.82 5.62
CA ILE A 259 4.64 13.50 5.27
C ILE A 259 5.27 12.66 6.36
N GLN A 260 4.89 12.90 7.61
CA GLN A 260 5.36 12.07 8.71
C GLN A 260 4.94 10.62 8.53
N LYS A 261 3.71 10.38 8.07
CA LYS A 261 3.23 9.03 7.91
C LYS A 261 4.06 8.26 6.89
N LEU A 262 4.53 8.95 5.84
CA LEU A 262 5.45 8.33 4.91
C LEU A 262 6.70 7.84 5.64
N ALA A 263 7.18 8.59 6.62
CA ALA A 263 8.37 8.16 7.36
C ALA A 263 8.08 6.93 8.20
N ASP A 264 6.92 6.88 8.85
CA ASP A 264 6.57 5.71 9.63
C ASP A 264 6.48 4.48 8.74
N LEU A 265 5.91 4.66 7.54
CA LEU A 265 5.75 3.57 6.60
C LEU A 265 7.08 2.89 6.30
N ARG A 266 8.18 3.65 6.22
CA ARG A 266 9.48 3.06 5.93
C ARG A 266 9.94 2.14 7.05
N SER A 267 9.65 2.52 8.29
CA SER A 267 10.03 1.69 9.43
C SER A 267 9.15 0.45 9.50
N LEU A 268 7.85 0.60 9.25
CA LEU A 268 6.97 -0.55 9.12
C LEU A 268 7.43 -1.48 8.01
N ASN A 269 7.88 -0.92 6.89
CA ASN A 269 8.35 -1.72 5.76
C ASN A 269 9.51 -2.60 6.18
N GLU A 270 10.53 -1.99 6.77
CA GLU A 270 11.72 -2.72 7.22
C GLU A 270 11.33 -3.87 8.12
N GLU A 271 10.53 -3.58 9.16
CA GLU A 271 10.15 -4.62 10.10
C GLU A 271 9.41 -5.76 9.38
N HIS A 272 8.52 -5.41 8.46
CA HIS A 272 7.82 -6.44 7.73
C HIS A 272 8.79 -7.25 6.87
N SER A 273 9.76 -6.59 6.25
CA SER A 273 10.74 -7.32 5.45
C SER A 273 11.54 -8.30 6.31
N LYS A 274 11.98 -7.85 7.50
CA LYS A 274 12.66 -8.72 8.44
C LYS A 274 11.86 -9.99 8.68
N GLN A 275 10.59 -9.82 9.06
CA GLN A 275 9.76 -10.98 9.41
C GLN A 275 9.38 -11.79 8.18
N TYR A 276 9.28 -11.15 7.03
CA TYR A 276 9.03 -11.92 5.81
C TYR A 276 10.16 -12.90 5.55
N ARG A 277 11.40 -12.47 5.79
CA ARG A 277 12.55 -13.33 5.52
C ARG A 277 12.46 -14.64 6.29
N SER A 278 12.14 -14.59 7.58
CA SER A 278 12.05 -15.83 8.36
C SER A 278 10.92 -16.70 7.88
N LEU A 279 9.87 -16.10 7.34
CA LEU A 279 8.80 -16.86 6.73
C LEU A 279 9.29 -17.50 5.44
N SER A 280 9.97 -16.73 4.60
CA SER A 280 10.36 -17.22 3.30
C SER A 280 11.51 -18.22 3.37
N PHE A 281 12.30 -18.19 4.43
CA PHE A 281 13.38 -19.17 4.60
C PHE A 281 12.90 -20.47 5.22
N GLN A 282 11.61 -20.58 5.53
CA GLN A 282 11.06 -21.83 6.05
C GLN A 282 10.10 -22.39 5.00
N PRO A 283 10.51 -23.41 4.24
CA PRO A 283 9.70 -23.85 3.09
C PRO A 283 8.31 -24.31 3.48
N GLU A 284 8.14 -24.91 4.66
CA GLU A 284 6.80 -25.29 5.10
C GLU A 284 5.87 -24.07 5.18
N HIS A 285 6.43 -22.89 5.43
CA HIS A 285 5.63 -21.66 5.40
C HIS A 285 5.66 -21.02 4.03
N SER A 286 6.84 -20.87 3.41
CA SER A 286 6.87 -20.15 2.15
C SER A 286 6.00 -20.83 1.11
N MET A 287 5.83 -22.15 1.21
CA MET A 287 4.96 -22.84 0.26
C MET A 287 3.51 -22.38 0.39
N GLN A 288 3.12 -21.78 1.51
CA GLN A 288 1.76 -21.28 1.61
C GLN A 288 1.56 -19.94 0.92
N LEU A 289 2.61 -19.34 0.40
CA LEU A 289 2.51 -18.00 -0.18
C LEU A 289 2.02 -18.11 -1.62
N THR A 290 1.84 -16.97 -2.28
CA THR A 290 1.44 -17.07 -3.68
C THR A 290 2.62 -16.76 -4.58
N PRO A 291 2.59 -17.22 -5.84
CA PRO A 291 3.65 -16.83 -6.77
C PRO A 291 3.86 -15.32 -6.85
N LEU A 292 2.78 -14.54 -6.84
CA LEU A 292 2.94 -13.09 -6.96
C LEU A 292 3.60 -12.51 -5.71
N VAL A 293 3.22 -13.00 -4.54
CA VAL A 293 3.82 -12.53 -3.31
C VAL A 293 5.32 -12.83 -3.29
N LEU A 294 5.67 -14.07 -3.60
CA LEU A 294 7.08 -14.49 -3.60
C LEU A 294 7.91 -13.67 -4.57
N GLU A 295 7.31 -13.26 -5.68
CA GLU A 295 8.05 -12.48 -6.68
C GLU A 295 8.21 -11.03 -6.23
N VAL A 296 7.12 -10.42 -5.76
CA VAL A 296 7.15 -8.99 -5.42
C VAL A 296 7.97 -8.75 -4.16
N PHE A 297 7.83 -9.63 -3.16
CA PHE A 297 8.58 -9.49 -1.92
C PHE A 297 9.91 -10.23 -1.95
N GLY A 298 10.16 -10.98 -2.99
CA GLY A 298 11.44 -11.66 -3.13
C GLY A 298 12.53 -10.68 -3.44
N SER A 299 13.75 -11.14 -3.28
CA SER A 299 14.94 -10.30 -3.32
C SER A 299 15.64 -10.32 -4.68
N GLU A 300 14.95 -10.73 -5.75
CA GLU A 300 15.51 -10.66 -7.09
C GLU A 300 15.56 -9.22 -7.59
N VAL A 301 16.50 -8.94 -8.50
CA VAL A 301 16.71 -7.60 -9.05
C VAL A 301 16.75 -7.69 -10.57
N SER A 302 16.34 -6.63 -11.25
CA SER A 302 16.35 -6.69 -12.71
C SER A 302 17.44 -5.82 -13.34
N LYS B 1 13.28 -11.07 -15.16
CA LYS B 1 13.40 -11.80 -13.89
C LYS B 1 12.06 -11.75 -13.14
N HIS B 2 11.25 -10.72 -13.41
CA HIS B 2 9.93 -10.57 -12.74
C HIS B 2 8.84 -10.90 -13.75
N LYS B 3 8.52 -12.18 -13.87
CA LYS B 3 7.60 -12.67 -14.91
C LYS B 3 6.20 -12.13 -14.66
N ILE B 4 5.58 -12.46 -13.51
CA ILE B 4 4.20 -12.08 -13.27
C ILE B 4 4.05 -10.57 -13.31
N LEU B 5 5.00 -9.85 -12.70
CA LEU B 5 4.95 -8.38 -12.68
C LEU B 5 4.92 -7.82 -14.08
N HIS B 6 5.84 -8.27 -14.95
CA HIS B 6 5.87 -7.78 -16.32
C HIS B 6 4.53 -8.01 -17.01
N ARG B 7 3.95 -9.19 -16.83
CA ARG B 7 2.65 -9.44 -17.42
C ARG B 7 1.60 -8.47 -16.87
N LEU B 8 1.52 -8.36 -15.54
CA LEU B 8 0.55 -7.47 -14.91
C LEU B 8 0.73 -6.01 -15.34
N LEU B 9 1.96 -5.60 -15.62
CA LEU B 9 2.21 -4.25 -16.10
C LEU B 9 1.94 -4.10 -17.60
N GLN B 10 1.17 -5.02 -18.17
CA GLN B 10 0.86 -5.12 -19.60
C GLN B 10 2.08 -5.41 -20.45
C ACT C . -10.10 -3.92 -2.88
O ACT C . -10.85 -4.09 -3.88
OXT ACT C . -8.85 -3.71 -2.86
CH3 ACT C . -10.77 -3.94 -1.47
C7 FO6 D . -1.88 -4.83 6.37
C8 FO6 D . -0.48 -5.40 6.74
C9 FO6 D . -0.75 -6.82 7.29
C1 FO6 D . -4.48 -8.07 7.82
C5 FO6 D . -2.24 -7.17 7.01
C6 FO6 D . -2.96 -8.04 8.04
C4 FO6 D . -2.85 -5.75 7.14
C3 FO6 D . -4.33 -5.78 6.83
C2 FO6 D . -5.06 -6.67 7.79
C10 FO6 D . -4.89 -5.10 5.82
C11 FO6 D . -6.22 -5.27 5.35
C12 FO6 D . -6.72 -5.03 4.10
C13 FO6 D . -5.88 -4.87 2.89
C14 FO6 D . -6.42 -3.91 1.85
C15 FO6 D . -7.89 -4.17 1.58
C16 FO6 D . -8.69 -4.03 2.86
C17 FO6 D . -8.21 -5.04 3.88
C18 FO6 D . -2.49 -7.69 5.59
C19 FO6 D . 0.09 -7.85 6.60
C21 FO6 D . 0.78 -8.71 6.14
C22 FO6 D . 1.55 -9.75 5.64
C23 FO6 D . 2.19 -10.68 5.22
C24 FO6 D . 3.00 -11.80 4.69
C25 FO6 D . 2.68 -13.07 5.46
C26 FO6 D . 2.77 -11.98 3.20
C27 FO6 D . -0.31 -6.95 8.73
O28 FO6 D . -8.56 -2.70 3.39
O29 FO6 D . -5.68 -4.08 0.63
O30 FO6 D . 4.39 -11.53 4.90
C20 FO6 D . -4.78 -5.55 2.62
#